data_3WNJ
#
_entry.id   3WNJ
#
_cell.length_a   114.903
_cell.length_b   114.903
_cell.length_c   84.022
_cell.angle_alpha   90.00
_cell.angle_beta   90.00
_cell.angle_gamma   120.00
#
_symmetry.space_group_name_H-M   'H 3'
#
loop_
_entity.id
_entity.type
_entity.pdbx_description
1 polymer 'Nitrite reductase'
2 non-polymer 'COPPER (II) ION'
3 non-polymer 'SODIUM ION'
4 non-polymer 'OXYGEN MOLECULE'
5 non-polymer (4S)-2-METHYL-2,4-PENTANEDIOL
6 non-polymer 1,2-ETHANEDIOL
7 non-polymer 'SULFATE ION'
8 non-polymer 'ACETIC ACID'
9 water water
#
_entity_poly.entity_id   1
_entity_poly.type   'polypeptide(L)'
_entity_poly.pdbx_seq_one_letter_code
;MESKNKTAATQQSEPNVIAAHKGVNQAPVPLKMERVGPHDVHIEMTAQITDIEIDKGKIYKAWTFNGQAPGPLVVVNEGD
TIHFTLKNMDPVVPHSMDFHAVHASPSKDFIDVMPNKSGTFTYPANKPGVFMYHCGTKPVLQHIANGMHGVIIVKPKNGY
PTDKEVDREYVLIQNEWYKYNDMNDFQNGVPSYVVFSSKALKPGDPNTNGDTFTLKEKPLLAKVGEKIRLYINNVGPNEV
SSFHVVGTVFDDVYLDGNPNNHLQGMQTVMLPASGGAVVEFTVTRPGTYPIVTHQFNHAQKGAVAMLKVTETGEDDGTET
SGH
;
_entity_poly.pdbx_strand_id   A
#
loop_
_chem_comp.id
_chem_comp.type
_chem_comp.name
_chem_comp.formula
ACY non-polymer 'ACETIC ACID' 'C2 H4 O2'
CU non-polymer 'COPPER (II) ION' 'Cu 2'
EDO non-polymer 1,2-ETHANEDIOL 'C2 H6 O2'
MPD non-polymer (4S)-2-METHYL-2,4-PENTANEDIOL 'C6 H14 O2'
NA non-polymer 'SODIUM ION' 'Na 1'
OXY non-polymer 'OXYGEN MOLECULE' O2
SO4 non-polymer 'SULFATE ION' 'O4 S -2'
#
# COMPACT_ATOMS: atom_id res chain seq x y z
N ILE A 18 17.44 15.78 10.18
CA ILE A 18 18.67 15.12 9.91
C ILE A 18 19.37 16.07 8.94
N ALA A 19 20.53 16.59 9.38
CA ALA A 19 21.18 17.67 8.58
C ALA A 19 21.43 17.15 7.15
N ALA A 20 21.82 15.90 7.04
CA ALA A 20 22.10 15.31 5.70
C ALA A 20 20.93 15.12 4.79
N HIS A 21 19.70 15.30 5.29
CA HIS A 21 18.53 15.33 4.47
C HIS A 21 18.05 16.68 4.04
N LYS A 22 18.67 17.74 4.57
N LYS A 22 18.65 17.75 4.59
CA LYS A 22 18.22 19.09 4.26
CA LYS A 22 18.22 19.12 4.24
C LYS A 22 18.45 19.31 2.76
C LYS A 22 18.44 19.29 2.74
N GLY A 23 17.41 19.76 2.06
CA GLY A 23 17.45 20.08 0.63
C GLY A 23 17.49 18.84 -0.19
N VAL A 24 17.39 17.61 0.37
CA VAL A 24 17.40 16.40 -0.48
C VAL A 24 16.04 16.03 -0.97
N ASN A 25 15.93 15.81 -2.29
CA ASN A 25 14.65 15.33 -2.88
C ASN A 25 15.01 14.51 -4.03
N GLN A 26 15.11 13.23 -3.75
CA GLN A 26 15.60 12.27 -4.76
C GLN A 26 14.47 11.92 -5.67
N ALA A 27 14.59 12.10 -7.00
CA ALA A 27 13.50 11.88 -7.90
C ALA A 27 13.05 10.42 -7.79
N PRO A 28 11.78 10.12 -7.92
CA PRO A 28 11.33 8.75 -7.96
C PRO A 28 12.04 7.93 -9.02
N VAL A 29 12.30 6.66 -8.62
N VAL A 29 12.29 6.68 -8.72
CA VAL A 29 13.04 5.58 -9.38
CA VAL A 29 12.75 5.86 -9.81
C VAL A 29 11.99 4.46 -9.69
C VAL A 29 11.90 4.68 -9.78
N PRO A 30 11.80 4.08 -10.97
CA PRO A 30 10.80 2.98 -11.14
C PRO A 30 11.22 1.71 -10.42
N LEU A 31 10.22 1.01 -9.85
CA LEU A 31 10.40 -0.39 -9.42
C LEU A 31 10.97 -1.18 -10.61
N LYS A 32 11.91 -2.07 -10.33
CA LYS A 32 12.36 -3.01 -11.37
C LYS A 32 12.02 -4.39 -10.87
N MET A 33 11.36 -5.08 -11.75
N MET A 33 11.37 -5.09 -11.78
CA MET A 33 10.98 -6.51 -11.46
CA MET A 33 10.92 -6.45 -11.47
C MET A 33 11.08 -7.29 -12.72
C MET A 33 11.04 -7.31 -12.71
N GLU A 34 11.57 -8.53 -12.62
CA GLU A 34 11.51 -9.44 -13.80
C GLU A 34 11.44 -10.84 -13.25
N ARG A 35 10.70 -11.65 -14.00
CA ARG A 35 10.64 -13.09 -13.70
C ARG A 35 11.89 -13.78 -14.21
N VAL A 36 12.49 -14.60 -13.37
CA VAL A 36 13.73 -15.28 -13.77
C VAL A 36 13.49 -16.78 -13.74
N GLY A 37 12.34 -17.29 -13.36
CA GLY A 37 12.04 -18.73 -13.49
C GLY A 37 10.57 -18.87 -13.26
N PRO A 38 10.02 -20.07 -13.52
N PRO A 38 10.08 -20.12 -13.41
CA PRO A 38 8.60 -20.29 -13.30
CA PRO A 38 8.66 -20.30 -13.26
C PRO A 38 8.13 -19.92 -11.87
C PRO A 38 8.17 -19.95 -11.87
N HIS A 39 9.07 -20.04 -10.89
CA HIS A 39 8.72 -19.74 -9.51
C HIS A 39 9.72 -18.83 -8.89
N ASP A 40 10.40 -17.96 -9.67
CA ASP A 40 11.43 -17.08 -9.11
C ASP A 40 11.31 -15.73 -9.78
N VAL A 41 11.36 -14.67 -8.97
N VAL A 41 11.31 -14.67 -8.97
CA VAL A 41 11.17 -13.30 -9.47
CA VAL A 41 11.24 -13.30 -9.53
C VAL A 41 12.23 -12.43 -8.84
C VAL A 41 12.27 -12.45 -8.85
N HIS A 42 12.89 -11.55 -9.63
CA HIS A 42 13.78 -10.49 -9.12
C HIS A 42 13.02 -9.23 -8.89
N ILE A 43 13.31 -8.59 -7.75
CA ILE A 43 12.71 -7.26 -7.48
C ILE A 43 13.84 -6.37 -6.99
N GLU A 44 13.94 -5.19 -7.55
N GLU A 44 13.95 -5.19 -7.57
N GLU A 44 13.95 -5.18 -7.53
CA GLU A 44 14.95 -4.24 -7.09
CA GLU A 44 14.89 -4.21 -7.04
CA GLU A 44 14.93 -4.22 -7.03
C GLU A 44 14.22 -2.95 -6.69
C GLU A 44 14.12 -2.95 -6.68
C GLU A 44 14.20 -2.94 -6.65
N MET A 45 14.45 -2.47 -5.47
N MET A 45 14.34 -2.49 -5.45
CA MET A 45 13.87 -1.22 -4.98
CA MET A 45 13.80 -1.23 -4.92
C MET A 45 14.97 -0.35 -4.46
C MET A 45 14.93 -0.39 -4.37
N THR A 46 14.64 0.89 -4.26
CA THR A 46 15.52 1.83 -3.59
C THR A 46 14.91 2.23 -2.25
N ALA A 47 15.77 2.64 -1.32
CA ALA A 47 15.33 3.49 -0.19
C ALA A 47 15.84 4.91 -0.51
N GLN A 48 14.94 5.88 -0.48
CA GLN A 48 15.31 7.22 -0.92
C GLN A 48 14.42 8.23 -0.24
N ILE A 49 14.92 9.48 -0.26
CA ILE A 49 14.32 10.62 0.47
C ILE A 49 13.68 11.51 -0.55
N THR A 50 12.36 11.70 -0.48
CA THR A 50 11.58 12.35 -1.53
C THR A 50 10.49 13.20 -0.91
N ASP A 51 10.35 14.42 -1.41
CA ASP A 51 9.28 15.26 -1.01
C ASP A 51 7.97 14.89 -1.59
N ILE A 52 6.97 14.74 -0.74
CA ILE A 52 5.62 14.35 -1.16
C ILE A 52 4.61 15.34 -0.61
N GLU A 53 3.67 15.77 -1.43
CA GLU A 53 2.65 16.70 -0.98
C GLU A 53 1.51 15.83 -0.34
N ILE A 54 1.44 15.82 0.97
CA ILE A 54 0.50 14.90 1.66
C ILE A 54 -0.82 15.59 1.89
N ASP A 55 -0.88 16.90 1.87
CA ASP A 55 -2.11 17.66 1.91
C ASP A 55 -1.80 18.98 1.16
N LYS A 56 -2.81 19.71 0.72
CA LYS A 56 -2.52 20.90 -0.09
C LYS A 56 -1.62 21.84 0.65
N GLY A 57 -0.44 22.16 0.10
CA GLY A 57 0.46 23.09 0.71
C GLY A 57 1.34 22.42 1.74
N LYS A 58 1.26 21.11 1.98
N LYS A 58 1.29 21.11 1.97
N LYS A 58 1.25 21.11 1.96
CA LYS A 58 2.00 20.48 3.02
CA LYS A 58 2.02 20.47 3.03
CA LYS A 58 2.01 20.47 3.00
C LYS A 58 2.93 19.45 2.44
C LYS A 58 2.95 19.43 2.44
C LYS A 58 2.94 19.42 2.42
N ILE A 59 4.24 19.68 2.43
CA ILE A 59 5.22 18.75 1.94
C ILE A 59 5.79 17.99 3.13
N TYR A 60 5.92 16.69 2.93
CA TYR A 60 6.59 15.83 3.89
C TYR A 60 7.81 15.25 3.19
N LYS A 61 9.01 15.45 3.72
CA LYS A 61 10.25 14.88 3.14
C LYS A 61 10.34 13.41 3.53
N ALA A 62 9.60 12.56 2.79
CA ALA A 62 9.36 11.21 3.25
C ALA A 62 10.58 10.35 3.06
N TRP A 63 10.64 9.37 3.97
CA TRP A 63 11.53 8.20 3.76
C TRP A 63 10.72 7.19 2.98
N THR A 64 11.23 6.73 1.81
CA THR A 64 10.41 5.99 0.89
C THR A 64 11.19 4.86 0.31
N PHE A 65 10.38 3.90 -0.22
CA PHE A 65 10.85 3.00 -1.30
C PHE A 65 10.54 3.62 -2.64
N ASN A 66 11.59 3.89 -3.42
CA ASN A 66 11.39 4.29 -4.83
C ASN A 66 10.77 5.69 -5.02
N GLY A 67 10.73 6.50 -3.96
CA GLY A 67 10.17 7.87 -4.12
C GLY A 67 8.70 7.93 -4.08
N GLN A 68 8.03 6.85 -3.61
CA GLN A 68 6.56 6.77 -3.43
C GLN A 68 6.31 6.46 -1.96
N ALA A 69 5.22 7.04 -1.40
CA ALA A 69 4.79 6.59 -0.07
C ALA A 69 3.28 6.56 -0.06
N PRO A 70 2.65 5.40 0.21
CA PRO A 70 3.28 4.03 0.24
C PRO A 70 4.10 3.79 -1.03
N GLY A 71 4.94 2.76 -0.92
CA GLY A 71 5.86 2.40 -2.01
C GLY A 71 5.12 1.77 -3.18
N PRO A 72 5.90 1.41 -4.21
CA PRO A 72 5.34 0.85 -5.40
C PRO A 72 4.67 -0.53 -5.12
N LEU A 73 3.65 -0.82 -5.90
CA LEU A 73 2.98 -2.13 -5.79
C LEU A 73 3.90 -3.24 -6.26
N VAL A 74 3.93 -4.34 -5.53
CA VAL A 74 4.59 -5.56 -5.97
C VAL A 74 3.50 -6.60 -6.13
N VAL A 75 3.49 -7.32 -7.25
CA VAL A 75 2.56 -8.46 -7.42
C VAL A 75 3.38 -9.67 -7.80
N VAL A 76 3.19 -10.76 -7.09
CA VAL A 76 3.86 -12.00 -7.47
C VAL A 76 2.78 -13.10 -7.38
N ASN A 77 3.19 -14.29 -7.78
CA ASN A 77 2.32 -15.46 -7.70
C ASN A 77 2.59 -16.28 -6.47
N GLU A 78 1.53 -16.87 -5.89
CA GLU A 78 1.77 -17.82 -4.82
C GLU A 78 2.87 -18.85 -5.24
N GLY A 79 3.78 -19.10 -4.35
CA GLY A 79 4.86 -20.07 -4.67
C GLY A 79 6.09 -19.40 -5.27
N ASP A 80 6.07 -18.11 -5.59
CA ASP A 80 7.26 -17.45 -6.12
C ASP A 80 8.30 -17.20 -4.96
N THR A 81 9.54 -17.47 -5.24
CA THR A 81 10.63 -16.98 -4.43
C THR A 81 11.06 -15.66 -4.98
N ILE A 82 11.19 -14.71 -4.08
CA ILE A 82 11.59 -13.33 -4.40
C ILE A 82 13.07 -13.19 -4.10
N HIS A 83 13.81 -12.68 -5.09
CA HIS A 83 15.23 -12.32 -4.95
C HIS A 83 15.22 -10.82 -4.95
N PHE A 84 15.27 -10.28 -3.73
CA PHE A 84 15.00 -8.83 -3.53
C PHE A 84 16.29 -8.10 -3.30
N THR A 85 16.49 -6.99 -4.02
CA THR A 85 17.63 -6.09 -3.79
C THR A 85 17.13 -4.73 -3.37
N LEU A 86 17.71 -4.23 -2.27
CA LEU A 86 17.48 -2.88 -1.82
C LEU A 86 18.74 -2.08 -2.06
N LYS A 87 18.61 -0.97 -2.78
N LYS A 87 18.62 -0.97 -2.79
CA LYS A 87 19.71 -0.06 -3.03
CA LYS A 87 19.72 -0.06 -3.05
C LYS A 87 19.43 1.19 -2.14
C LYS A 87 19.43 1.16 -2.14
N ASN A 88 20.23 1.39 -1.10
CA ASN A 88 19.94 2.46 -0.16
C ASN A 88 20.57 3.80 -0.62
N MET A 89 19.73 4.71 -1.07
N MET A 89 19.74 4.69 -1.13
CA MET A 89 20.19 6.01 -1.58
CA MET A 89 20.16 6.01 -1.58
C MET A 89 20.17 7.06 -0.48
C MET A 89 20.19 7.04 -0.46
N ASP A 90 19.67 6.71 0.72
CA ASP A 90 19.72 7.67 1.80
C ASP A 90 21.15 7.94 2.16
N PRO A 91 21.57 9.21 2.28
CA PRO A 91 22.98 9.49 2.57
C PRO A 91 23.42 9.13 3.96
N VAL A 92 22.51 8.96 4.91
CA VAL A 92 22.95 8.71 6.28
C VAL A 92 22.22 7.63 7.06
N VAL A 93 20.95 7.31 6.69
CA VAL A 93 20.22 6.36 7.55
C VAL A 93 20.20 5.00 6.88
N PRO A 94 20.49 3.90 7.62
CA PRO A 94 20.33 2.56 7.04
C PRO A 94 18.83 2.31 6.84
N HIS A 95 18.50 1.34 5.93
CA HIS A 95 17.13 0.95 5.70
C HIS A 95 17.14 -0.55 5.39
N SER A 96 15.96 -1.14 5.41
CA SER A 96 15.82 -2.59 5.22
C SER A 96 14.44 -2.87 4.62
N MET A 97 14.13 -4.14 4.42
CA MET A 97 12.82 -4.54 3.91
C MET A 97 12.30 -5.76 4.60
N ASP A 98 11.06 -5.67 5.03
CA ASP A 98 10.30 -6.77 5.59
C ASP A 98 9.05 -6.91 4.72
N PHE A 99 8.91 -8.05 4.00
CA PHE A 99 7.63 -8.37 3.32
C PHE A 99 6.83 -9.28 4.22
N HIS A 100 5.59 -8.88 4.55
CA HIS A 100 4.77 -9.83 5.37
C HIS A 100 4.40 -11.08 4.59
N ALA A 101 4.52 -11.01 3.24
CA ALA A 101 4.21 -12.19 2.45
C ALA A 101 5.15 -13.36 2.71
N VAL A 102 6.38 -13.13 3.14
CA VAL A 102 7.39 -14.21 3.00
C VAL A 102 7.68 -14.86 4.31
N HIS A 103 8.24 -16.07 4.20
CA HIS A 103 8.88 -16.78 5.32
C HIS A 103 10.33 -16.53 5.24
N ALA A 104 10.89 -15.91 6.27
CA ALA A 104 12.30 -15.47 6.28
C ALA A 104 12.81 -15.40 7.70
N SER A 105 14.15 -15.42 7.83
CA SER A 105 14.74 -15.19 9.14
C SER A 105 14.88 -13.67 9.29
N PRO A 106 14.18 -12.99 10.25
CA PRO A 106 14.23 -11.50 10.27
C PRO A 106 15.69 -11.05 10.49
N SER A 107 16.42 -11.78 11.36
CA SER A 107 17.76 -11.30 11.74
C SER A 107 18.82 -11.65 10.71
N LYS A 108 18.48 -12.33 9.63
N LYS A 108 18.49 -12.32 9.63
CA LYS A 108 19.42 -12.56 8.56
CA LYS A 108 19.43 -12.55 8.54
C LYS A 108 18.93 -11.96 7.24
C LYS A 108 18.93 -11.95 7.24
N ASP A 109 17.62 -11.89 7.04
CA ASP A 109 17.04 -11.60 5.72
C ASP A 109 16.36 -10.24 5.66
N PHE A 110 16.05 -9.64 6.83
CA PHE A 110 15.40 -8.31 6.83
C PHE A 110 16.42 -7.32 7.48
N ILE A 111 17.67 -7.51 7.23
CA ILE A 111 18.73 -6.72 7.88
C ILE A 111 19.02 -5.44 7.13
N ASP A 112 19.73 -4.55 7.81
CA ASP A 112 20.01 -3.20 7.29
C ASP A 112 20.95 -3.19 6.14
N VAL A 113 20.69 -2.29 5.21
CA VAL A 113 21.57 -1.96 4.11
C VAL A 113 22.06 -0.54 4.42
N MET A 114 23.37 -0.35 4.44
N MET A 114 23.37 -0.35 4.44
CA MET A 114 23.92 0.93 4.77
CA MET A 114 23.92 0.94 4.77
C MET A 114 23.78 1.96 3.64
C MET A 114 23.78 1.96 3.65
N PRO A 115 23.89 3.24 3.96
CA PRO A 115 23.89 4.31 2.92
C PRO A 115 24.84 3.96 1.79
N ASN A 116 24.33 4.15 0.58
CA ASN A 116 25.12 4.03 -0.63
C ASN A 116 25.53 2.57 -0.90
N LYS A 117 24.87 1.57 -0.28
CA LYS A 117 25.14 0.23 -0.49
C LYS A 117 23.88 -0.47 -0.96
N SER A 118 24.06 -1.71 -1.37
CA SER A 118 22.95 -2.58 -1.77
C SER A 118 23.00 -3.86 -0.98
N GLY A 119 21.84 -4.47 -0.78
CA GLY A 119 21.78 -5.80 -0.21
C GLY A 119 20.77 -6.64 -0.96
N THR A 120 21.00 -7.97 -1.11
CA THR A 120 20.06 -8.90 -1.79
C THR A 120 19.71 -10.01 -0.83
N PHE A 121 18.43 -10.29 -0.76
CA PHE A 121 17.89 -11.24 0.18
C PHE A 121 16.92 -12.05 -0.60
N THR A 122 16.79 -13.36 -0.30
CA THR A 122 15.92 -14.27 -1.05
C THR A 122 15.00 -15.03 -0.10
N TYR A 123 13.73 -15.09 -0.49
CA TYR A 123 12.75 -15.75 0.38
C TYR A 123 11.46 -16.02 -0.41
N PRO A 124 10.74 -17.04 0.08
CA PRO A 124 9.56 -17.49 -0.67
C PRO A 124 8.27 -16.77 -0.13
N ALA A 125 7.36 -16.58 -1.11
CA ALA A 125 6.01 -16.12 -0.86
C ALA A 125 5.05 -17.26 -1.11
N ASN A 126 4.73 -18.05 -0.06
N ASN A 126 4.85 -18.04 0.01
CA ASN A 126 3.92 -19.29 -0.31
CA ASN A 126 4.09 -19.36 0.14
C ASN A 126 2.50 -19.15 0.03
C ASN A 126 2.58 -19.18 0.33
N LYS A 127 2.07 -17.94 0.47
CA LYS A 127 0.72 -17.70 0.97
C LYS A 127 -0.01 -16.64 0.12
N PRO A 128 -1.21 -16.89 -0.40
CA PRO A 128 -1.89 -15.89 -1.19
C PRO A 128 -2.35 -14.73 -0.27
N GLY A 129 -2.40 -13.52 -0.80
CA GLY A 129 -3.05 -12.41 -0.02
C GLY A 129 -2.51 -11.09 -0.35
N VAL A 130 -2.95 -10.14 0.52
CA VAL A 130 -2.67 -8.71 0.35
C VAL A 130 -1.83 -8.27 1.58
N PHE A 131 -0.54 -8.26 1.40
CA PHE A 131 0.37 -8.17 2.52
C PHE A 131 1.03 -6.82 2.58
N MET A 132 1.27 -6.32 3.83
CA MET A 132 2.09 -5.16 3.99
C MET A 132 3.54 -5.48 3.76
N TYR A 133 4.28 -4.51 3.23
CA TYR A 133 5.73 -4.53 3.36
C TYR A 133 6.17 -3.20 4.00
N HIS A 134 7.35 -3.20 4.57
CA HIS A 134 7.82 -1.97 5.20
C HIS A 134 9.28 -2.11 5.54
N CYS A 135 9.92 -0.94 5.80
CA CYS A 135 11.26 -0.98 6.35
C CYS A 135 11.25 -1.58 7.74
N GLY A 136 12.28 -2.39 8.06
CA GLY A 136 12.40 -3.01 9.35
C GLY A 136 13.51 -2.58 10.16
N THR A 137 13.99 -1.34 9.96
CA THR A 137 15.14 -0.82 10.70
C THR A 137 14.70 -0.14 12.00
N LYS A 138 15.42 -0.41 13.07
N LYS A 138 15.42 -0.39 13.07
CA LYS A 138 15.04 0.17 14.36
CA LYS A 138 15.05 0.17 14.37
C LYS A 138 15.32 1.66 14.40
C LYS A 138 15.29 1.66 14.42
N PRO A 139 14.41 2.47 14.96
CA PRO A 139 13.09 2.12 15.46
C PRO A 139 12.12 2.00 14.32
N VAL A 140 11.48 0.83 14.23
CA VAL A 140 10.62 0.56 13.08
C VAL A 140 9.49 1.55 13.01
N LEU A 141 8.92 2.00 14.15
CA LEU A 141 7.88 3.01 14.12
C LEU A 141 8.34 4.24 13.28
N GLN A 142 9.59 4.64 13.51
CA GLN A 142 10.11 5.86 12.81
C GLN A 142 10.14 5.64 11.30
N HIS A 143 10.67 4.45 10.91
CA HIS A 143 10.81 4.17 9.45
C HIS A 143 9.46 4.10 8.83
N ILE A 144 8.51 3.36 9.44
CA ILE A 144 7.18 3.25 8.85
C ILE A 144 6.49 4.58 8.83
N ALA A 145 6.53 5.33 9.97
CA ALA A 145 5.77 6.59 10.01
C ALA A 145 6.31 7.62 9.03
N ASN A 146 7.62 7.60 8.74
CA ASN A 146 8.19 8.49 7.77
C ASN A 146 7.89 8.18 6.31
N GLY A 147 7.28 6.99 6.08
CA GLY A 147 6.76 6.63 4.73
C GLY A 147 7.19 5.27 4.19
N MET A 148 7.91 4.46 4.93
N MET A 148 8.08 4.50 4.82
CA MET A 148 8.48 3.27 4.34
CA MET A 148 8.58 3.26 4.20
C MET A 148 7.50 2.04 4.54
C MET A 148 7.63 2.05 4.42
N HIS A 149 6.47 2.08 3.76
CA HIS A 149 5.43 1.05 3.86
C HIS A 149 4.92 0.88 2.44
N GLY A 150 4.20 -0.22 2.24
CA GLY A 150 3.65 -0.57 0.88
C GLY A 150 2.95 -1.91 0.99
N VAL A 151 2.49 -2.35 -0.17
CA VAL A 151 1.76 -3.62 -0.33
C VAL A 151 2.42 -4.50 -1.38
N ILE A 152 2.48 -5.81 -0.99
CA ILE A 152 2.77 -6.87 -1.98
C ILE A 152 1.54 -7.76 -2.00
N ILE A 153 1.05 -8.01 -3.26
CA ILE A 153 -0.06 -8.95 -3.49
C ILE A 153 0.53 -10.25 -3.98
N VAL A 154 0.06 -11.35 -3.38
CA VAL A 154 0.45 -12.69 -3.84
C VAL A 154 -0.81 -13.33 -4.39
N LYS A 155 -0.80 -13.59 -5.69
CA LYS A 155 -2.00 -14.09 -6.34
C LYS A 155 -2.21 -15.55 -6.04
N PRO A 156 -3.42 -15.98 -5.63
CA PRO A 156 -3.60 -17.40 -5.30
C PRO A 156 -3.53 -18.25 -6.51
N LYS A 157 -2.90 -19.40 -6.36
CA LYS A 157 -2.75 -20.40 -7.50
C LYS A 157 -4.09 -20.76 -8.04
N ASN A 158 -5.06 -20.95 -7.18
CA ASN A 158 -6.39 -21.33 -7.59
C ASN A 158 -7.41 -20.22 -7.65
N GLY A 159 -6.93 -18.99 -7.69
CA GLY A 159 -7.83 -17.83 -7.70
C GLY A 159 -8.73 -17.68 -6.47
N TYR A 160 -9.74 -16.84 -6.63
CA TYR A 160 -10.78 -16.68 -5.64
C TYR A 160 -12.05 -17.26 -6.29
N PRO A 161 -12.97 -17.77 -5.47
CA PRO A 161 -14.21 -18.38 -6.07
C PRO A 161 -15.09 -17.42 -6.83
N THR A 162 -14.93 -16.11 -6.52
CA THR A 162 -15.74 -15.13 -7.19
C THR A 162 -14.98 -14.40 -8.31
N ASP A 163 -13.83 -14.91 -8.76
CA ASP A 163 -13.11 -14.27 -9.81
C ASP A 163 -13.93 -13.94 -11.04
N LYS A 164 -14.75 -14.94 -11.48
N LYS A 164 -14.73 -14.93 -11.47
CA LYS A 164 -15.49 -14.76 -12.73
CA LYS A 164 -15.46 -14.77 -12.72
C LYS A 164 -16.51 -13.65 -12.66
C LYS A 164 -16.52 -13.66 -12.65
N GLU A 165 -16.86 -13.20 -11.44
CA GLU A 165 -17.90 -12.18 -11.32
C GLU A 165 -17.27 -10.75 -11.34
N VAL A 166 -15.95 -10.64 -11.19
CA VAL A 166 -15.33 -9.35 -11.00
C VAL A 166 -15.15 -8.66 -12.33
N ASP A 167 -15.60 -7.43 -12.46
CA ASP A 167 -15.50 -6.68 -13.70
C ASP A 167 -14.30 -5.78 -13.73
N ARG A 168 -13.83 -5.25 -12.57
CA ARG A 168 -12.81 -4.23 -12.53
C ARG A 168 -12.16 -4.28 -11.15
N GLU A 169 -10.89 -3.97 -11.10
CA GLU A 169 -10.18 -4.04 -9.79
C GLU A 169 -9.24 -2.87 -9.63
N TYR A 170 -9.00 -2.53 -8.35
CA TYR A 170 -8.04 -1.48 -7.98
C TYR A 170 -7.43 -1.91 -6.65
N VAL A 171 -6.32 -1.25 -6.35
CA VAL A 171 -5.61 -1.37 -5.03
C VAL A 171 -5.72 -0.08 -4.26
N LEU A 172 -6.13 -0.19 -2.99
N LEU A 172 -6.09 -0.18 -2.98
CA LEU A 172 -6.10 1.03 -2.15
CA LEU A 172 -6.20 0.97 -2.10
C LEU A 172 -5.35 0.68 -0.91
C LEU A 172 -5.43 0.69 -0.82
N ILE A 173 -4.60 1.67 -0.43
CA ILE A 173 -3.79 1.54 0.81
C ILE A 173 -4.15 2.72 1.73
N GLN A 174 -4.32 2.42 3.00
CA GLN A 174 -4.54 3.51 4.01
C GLN A 174 -3.27 3.64 4.81
N ASN A 175 -2.86 4.91 5.06
CA ASN A 175 -1.76 5.19 6.00
C ASN A 175 -2.06 6.49 6.71
N GLU A 176 -1.28 6.70 7.77
CA GLU A 176 -1.31 7.97 8.51
C GLU A 176 -0.01 8.77 8.25
N TRP A 177 -0.15 10.05 8.47
CA TRP A 177 1.04 10.98 8.56
C TRP A 177 0.96 11.75 9.84
N TYR A 178 2.13 11.90 10.44
CA TYR A 178 2.29 12.62 11.73
C TYR A 178 3.17 13.84 11.52
N LYS A 179 3.46 14.55 12.63
CA LYS A 179 4.44 15.64 12.59
C LYS A 179 5.76 15.09 12.10
N TYR A 180 6.46 15.84 11.24
N TYR A 180 6.51 15.90 11.34
CA TYR A 180 7.61 15.35 10.52
CA TYR A 180 7.63 15.38 10.59
C TYR A 180 8.67 14.75 11.43
C TYR A 180 8.66 14.75 11.48
N ASN A 181 8.99 13.48 11.23
CA ASN A 181 10.08 12.82 11.93
C ASN A 181 10.10 13.10 13.43
N ASP A 182 8.93 13.09 14.06
CA ASP A 182 8.77 13.47 15.47
C ASP A 182 8.39 12.20 16.23
N MET A 183 9.35 11.54 16.88
N MET A 183 9.39 11.58 16.89
CA MET A 183 9.10 10.31 17.55
CA MET A 183 9.20 10.33 17.59
C MET A 183 8.12 10.45 18.68
C MET A 183 8.17 10.41 18.69
N ASN A 184 8.13 11.55 19.39
CA ASN A 184 7.12 11.77 20.43
C ASN A 184 5.72 11.72 19.80
N ASP A 185 5.52 12.44 18.74
CA ASP A 185 4.23 12.44 18.08
C ASP A 185 3.90 11.07 17.52
N PHE A 186 4.89 10.42 16.95
CA PHE A 186 4.64 9.11 16.40
C PHE A 186 4.12 8.16 17.48
N GLN A 187 4.71 8.23 18.69
N GLN A 187 4.49 8.30 18.73
CA GLN A 187 4.32 7.32 19.81
CA GLN A 187 4.11 7.23 19.61
C GLN A 187 3.03 7.72 20.52
C GLN A 187 3.06 7.70 20.61
N ASN A 188 2.82 9.05 20.68
CA ASN A 188 1.86 9.53 21.64
C ASN A 188 0.80 10.44 21.04
N GLY A 189 0.90 10.87 19.81
CA GLY A 189 0.03 11.87 19.24
C GLY A 189 -1.01 11.27 18.31
N VAL A 190 -2.10 11.96 18.09
CA VAL A 190 -3.07 11.58 17.06
C VAL A 190 -2.46 11.86 15.70
N PRO A 191 -2.92 11.10 14.65
CA PRO A 191 -2.40 11.41 13.33
C PRO A 191 -2.84 12.82 12.91
N SER A 192 -1.96 13.47 12.14
CA SER A 192 -2.35 14.69 11.53
C SER A 192 -3.19 14.54 10.29
N TYR A 193 -2.85 13.50 9.55
CA TYR A 193 -3.62 13.14 8.30
C TYR A 193 -3.77 11.63 8.33
N VAL A 194 -4.88 11.16 7.75
CA VAL A 194 -5.03 9.72 7.39
C VAL A 194 -5.52 9.76 5.98
N VAL A 195 -4.95 8.85 5.16
CA VAL A 195 -5.06 9.01 3.71
C VAL A 195 -5.17 7.65 3.02
N PHE A 196 -5.75 7.73 1.80
CA PHE A 196 -5.75 6.61 0.85
C PHE A 196 -4.86 6.97 -0.31
N SER A 197 -4.28 5.91 -0.88
CA SER A 197 -3.59 5.96 -2.20
C SER A 197 -4.00 4.73 -2.97
N SER A 198 -3.77 4.84 -4.29
N SER A 198 -3.82 4.83 -4.30
CA SER A 198 -4.07 3.70 -5.17
CA SER A 198 -4.10 3.73 -5.24
C SER A 198 -2.84 3.37 -5.95
C SER A 198 -2.82 3.38 -5.96
N LYS A 199 -2.57 2.08 -6.13
CA LYS A 199 -1.36 1.62 -6.86
C LYS A 199 -1.78 0.81 -8.02
N ALA A 200 -1.16 1.08 -9.16
CA ALA A 200 -1.66 0.49 -10.42
C ALA A 200 -1.46 -1.02 -10.57
N LEU A 201 -2.53 -1.73 -10.99
CA LEU A 201 -2.41 -3.15 -11.37
C LEU A 201 -2.26 -3.34 -12.82
N LYS A 202 -2.84 -2.47 -13.63
CA LYS A 202 -2.81 -2.58 -15.12
C LYS A 202 -2.56 -1.23 -15.74
N PRO A 203 -2.09 -1.18 -16.98
CA PRO A 203 -1.81 0.09 -17.66
C PRO A 203 -3.04 0.96 -17.67
N GLY A 204 -2.83 2.21 -17.30
CA GLY A 204 -3.94 3.14 -17.30
C GLY A 204 -4.43 3.34 -15.88
N ASP A 205 -4.23 2.40 -14.95
CA ASP A 205 -4.74 2.63 -13.64
C ASP A 205 -3.93 3.76 -13.01
N PRO A 206 -4.56 4.48 -12.09
CA PRO A 206 -3.84 5.55 -11.40
C PRO A 206 -2.76 4.93 -10.49
N ASN A 207 -1.71 5.72 -10.19
CA ASN A 207 -0.72 5.32 -9.24
C ASN A 207 -0.38 6.55 -8.43
N THR A 208 -0.77 6.59 -7.15
CA THR A 208 -0.77 7.80 -6.38
C THR A 208 -0.07 7.57 -5.05
N ASN A 209 0.23 8.65 -4.37
CA ASN A 209 0.81 8.61 -2.97
C ASN A 209 -0.26 8.87 -1.96
N GLY A 210 0.03 8.55 -0.70
CA GLY A 210 -0.92 8.81 0.38
C GLY A 210 -1.07 10.29 0.63
N ASP A 211 -2.16 10.87 0.21
CA ASP A 211 -2.41 12.28 0.36
C ASP A 211 -3.93 12.45 0.57
N THR A 212 -4.33 13.65 0.97
CA THR A 212 -5.70 13.91 1.35
C THR A 212 -6.64 14.20 0.21
N PHE A 213 -6.13 14.31 -1.03
CA PHE A 213 -6.90 14.92 -2.08
C PHE A 213 -6.91 14.25 -3.41
N THR A 214 -5.86 13.51 -3.80
CA THR A 214 -5.83 13.07 -5.22
C THR A 214 -7.01 12.17 -5.64
N LEU A 215 -7.40 11.26 -4.73
CA LEU A 215 -8.48 10.37 -5.10
C LEU A 215 -9.83 11.00 -4.89
N LYS A 216 -9.90 12.24 -4.35
CA LYS A 216 -11.13 13.03 -4.40
C LYS A 216 -11.23 13.70 -5.72
N GLU A 217 -10.14 14.31 -6.16
CA GLU A 217 -10.14 15.17 -7.37
C GLU A 217 -10.09 14.36 -8.65
N LYS A 218 -9.45 13.20 -8.62
N LYS A 218 -9.47 13.20 -8.56
CA LYS A 218 -9.40 12.28 -9.74
CA LYS A 218 -9.32 12.30 -9.67
C LYS A 218 -9.94 10.92 -9.18
C LYS A 218 -9.82 10.92 -9.17
N PRO A 219 -11.28 10.72 -9.14
N PRO A 219 -11.14 10.73 -9.11
CA PRO A 219 -11.76 9.48 -8.53
CA PRO A 219 -11.75 9.47 -8.60
C PRO A 219 -11.33 8.26 -9.36
C PRO A 219 -11.29 8.26 -9.37
N LEU A 220 -11.30 7.12 -8.70
CA LEU A 220 -11.25 5.86 -9.45
C LEU A 220 -12.49 5.78 -10.33
N LEU A 221 -12.41 5.11 -11.44
CA LEU A 221 -13.52 5.08 -12.41
C LEU A 221 -14.13 3.67 -12.53
N ALA A 222 -15.45 3.59 -12.73
CA ALA A 222 -16.09 2.30 -13.03
C ALA A 222 -17.34 2.57 -13.78
N LYS A 223 -18.02 1.49 -14.15
N LYS A 223 -17.99 1.49 -14.20
CA LYS A 223 -19.20 1.58 -14.98
CA LYS A 223 -19.24 1.57 -14.96
C LYS A 223 -20.41 1.03 -14.20
C LYS A 223 -20.43 1.00 -14.18
N VAL A 224 -21.60 1.60 -14.45
CA VAL A 224 -22.80 1.19 -13.77
C VAL A 224 -22.98 -0.33 -13.89
N GLY A 225 -23.33 -0.94 -12.79
CA GLY A 225 -23.64 -2.33 -12.76
C GLY A 225 -22.44 -3.24 -12.49
N GLU A 226 -21.20 -2.71 -12.50
CA GLU A 226 -20.03 -3.58 -12.32
C GLU A 226 -19.89 -4.05 -10.88
N LYS A 227 -19.28 -5.24 -10.81
CA LYS A 227 -18.70 -5.75 -9.58
C LYS A 227 -17.24 -5.34 -9.53
N ILE A 228 -16.91 -4.55 -8.50
CA ILE A 228 -15.56 -4.08 -8.31
C ILE A 228 -14.87 -4.88 -7.23
N ARG A 229 -13.58 -5.22 -7.46
CA ARG A 229 -12.75 -5.77 -6.42
C ARG A 229 -11.72 -4.72 -6.01
N LEU A 230 -11.58 -4.52 -4.68
CA LEU A 230 -10.47 -3.73 -4.15
C LEU A 230 -9.57 -4.65 -3.37
N TYR A 231 -8.28 -4.57 -3.67
CA TYR A 231 -7.25 -5.13 -2.78
C TYR A 231 -6.83 -4.03 -1.83
N ILE A 232 -7.02 -4.25 -0.53
CA ILE A 232 -6.81 -3.14 0.45
C ILE A 232 -5.87 -3.55 1.53
N ASN A 233 -5.11 -2.59 2.01
CA ASN A 233 -4.28 -2.82 3.22
C ASN A 233 -4.24 -1.52 3.98
N ASN A 234 -4.34 -1.66 5.30
CA ASN A 234 -4.12 -0.53 6.20
C ASN A 234 -2.71 -0.66 6.80
N VAL A 235 -1.78 0.10 6.27
CA VAL A 235 -0.38 -0.06 6.73
C VAL A 235 -0.11 0.70 8.03
N GLY A 236 -1.10 1.45 8.53
CA GLY A 236 -0.85 2.17 9.78
C GLY A 236 0.01 3.41 9.58
N PRO A 237 0.95 3.70 10.48
CA PRO A 237 1.56 2.75 11.42
C PRO A 237 0.74 2.36 12.61
N ASN A 238 -0.21 3.17 13.06
CA ASN A 238 -0.73 3.02 14.41
C ASN A 238 -2.21 2.68 14.47
N GLU A 239 -2.95 3.09 13.48
N GLU A 239 -2.97 3.10 13.48
CA GLU A 239 -4.42 2.98 13.60
CA GLU A 239 -4.44 2.96 13.64
C GLU A 239 -4.94 1.72 12.97
C GLU A 239 -4.93 1.71 12.98
N VAL A 240 -6.08 1.25 13.46
CA VAL A 240 -6.97 0.32 12.78
C VAL A 240 -7.88 1.06 11.80
N SER A 241 -8.47 0.33 10.83
CA SER A 241 -9.32 0.93 9.82
C SER A 241 -10.71 0.27 9.81
N SER A 242 -11.75 1.05 9.57
CA SER A 242 -13.09 0.50 9.46
C SER A 242 -13.54 0.77 8.04
N PHE A 243 -13.15 -0.12 7.11
CA PHE A 243 -13.21 0.22 5.71
C PHE A 243 -14.62 0.04 5.14
N HIS A 244 -15.15 1.09 4.46
CA HIS A 244 -16.54 1.08 4.01
C HIS A 244 -16.62 1.79 2.69
N VAL A 245 -17.41 1.26 1.74
CA VAL A 245 -17.76 1.98 0.53
C VAL A 245 -19.18 2.46 0.63
N VAL A 246 -19.38 3.78 0.54
CA VAL A 246 -20.70 4.33 0.68
C VAL A 246 -21.60 3.89 -0.50
N GLY A 247 -22.86 3.53 -0.20
CA GLY A 247 -23.81 3.26 -1.27
C GLY A 247 -23.81 1.79 -1.70
N THR A 248 -23.01 0.97 -1.08
CA THR A 248 -22.98 -0.41 -1.42
C THR A 248 -22.74 -1.24 -0.15
N VAL A 249 -22.74 -2.58 -0.34
CA VAL A 249 -22.39 -3.55 0.74
C VAL A 249 -21.37 -4.46 0.16
N PHE A 250 -20.41 -4.94 0.89
CA PHE A 250 -19.44 -5.91 0.30
C PHE A 250 -20.15 -7.23 0.09
N ASP A 251 -20.26 -7.67 -1.16
CA ASP A 251 -20.79 -9.00 -1.45
C ASP A 251 -19.91 -10.07 -0.83
N ASP A 252 -18.63 -9.97 -1.01
CA ASP A 252 -17.67 -10.99 -0.54
C ASP A 252 -16.44 -10.24 -0.03
N VAL A 253 -15.88 -10.80 1.02
CA VAL A 253 -14.67 -10.34 1.65
C VAL A 253 -13.76 -11.49 1.91
N TYR A 254 -12.49 -11.41 1.59
CA TYR A 254 -11.51 -12.40 1.92
C TYR A 254 -10.49 -11.78 2.85
N LEU A 255 -10.49 -12.15 4.10
CA LEU A 255 -9.54 -11.49 5.07
C LEU A 255 -8.14 -11.81 4.73
N ASP A 256 -7.27 -10.78 4.72
CA ASP A 256 -5.91 -10.87 4.32
C ASP A 256 -5.75 -11.33 2.87
N GLY A 257 -6.85 -11.38 2.09
CA GLY A 257 -6.74 -11.88 0.75
C GLY A 257 -6.57 -13.39 0.67
N ASN A 258 -6.73 -14.15 1.77
CA ASN A 258 -6.67 -15.62 1.64
C ASN A 258 -8.05 -16.05 1.28
N PRO A 259 -8.19 -16.88 0.17
CA PRO A 259 -9.55 -17.25 -0.27
C PRO A 259 -10.34 -18.01 0.78
N ASN A 260 -9.66 -18.62 1.74
N ASN A 260 -9.75 -18.63 1.75
CA ASN A 260 -10.39 -19.40 2.77
CA ASN A 260 -10.53 -19.42 2.68
C ASN A 260 -11.23 -18.48 3.66
C ASN A 260 -11.11 -18.56 3.83
N ASN A 261 -10.70 -17.28 3.88
CA ASN A 261 -11.25 -16.43 4.91
C ASN A 261 -12.41 -15.57 4.40
N HIS A 262 -13.49 -16.30 4.15
N HIS A 262 -13.54 -16.21 4.12
CA HIS A 262 -14.57 -15.77 3.37
CA HIS A 262 -14.51 -15.68 3.21
C HIS A 262 -15.74 -15.23 4.21
C HIS A 262 -15.74 -15.25 4.03
N LEU A 263 -16.03 -13.95 4.07
N LEU A 263 -16.02 -13.96 4.05
CA LEU A 263 -17.23 -13.34 4.67
CA LEU A 263 -17.19 -13.39 4.74
C LEU A 263 -18.12 -12.86 3.52
C LEU A 263 -18.08 -12.83 3.61
N GLN A 264 -19.37 -12.67 3.85
CA GLN A 264 -20.30 -12.14 2.87
C GLN A 264 -21.15 -11.02 3.45
N GLY A 265 -21.55 -10.11 2.60
CA GLY A 265 -22.57 -9.12 3.03
C GLY A 265 -22.13 -8.21 4.17
N MET A 266 -20.82 -7.84 4.19
N MET A 266 -20.84 -7.87 4.21
CA MET A 266 -20.31 -6.97 5.24
CA MET A 266 -20.33 -6.95 5.24
C MET A 266 -20.52 -5.53 4.84
C MET A 266 -20.53 -5.52 4.84
N GLN A 267 -21.02 -4.72 5.76
CA GLN A 267 -21.06 -3.25 5.53
C GLN A 267 -19.69 -2.60 5.59
N THR A 268 -18.87 -3.14 6.50
CA THR A 268 -17.62 -2.45 6.88
C THR A 268 -16.65 -3.59 7.26
N VAL A 269 -15.38 -3.46 6.86
CA VAL A 269 -14.39 -4.44 7.17
C VAL A 269 -13.34 -3.83 8.13
N MET A 270 -13.20 -4.48 9.27
N MET A 270 -13.23 -4.47 9.27
CA MET A 270 -12.21 -4.06 10.28
CA MET A 270 -12.18 -4.11 10.27
C MET A 270 -10.87 -4.53 9.87
C MET A 270 -10.85 -4.56 9.77
N LEU A 271 -9.90 -3.67 9.73
CA LEU A 271 -8.53 -4.05 9.41
C LEU A 271 -7.63 -3.69 10.56
N PRO A 272 -6.81 -4.60 11.10
CA PRO A 272 -5.81 -4.24 12.05
C PRO A 272 -4.75 -3.39 11.33
N ALA A 273 -3.83 -2.83 12.13
CA ALA A 273 -2.64 -2.21 11.49
C ALA A 273 -1.87 -3.33 10.79
N SER A 274 -1.53 -3.13 9.55
CA SER A 274 -0.95 -4.09 8.59
C SER A 274 -2.00 -5.03 7.98
N GLY A 275 -3.25 -4.94 8.37
CA GLY A 275 -4.26 -5.89 7.88
C GLY A 275 -4.64 -5.59 6.46
N GLY A 276 -4.88 -6.69 5.74
CA GLY A 276 -5.34 -6.61 4.32
C GLY A 276 -6.66 -7.31 4.10
N ALA A 277 -7.22 -7.09 2.93
CA ALA A 277 -8.42 -7.86 2.53
C ALA A 277 -8.57 -7.68 1.04
N VAL A 278 -9.32 -8.67 0.47
CA VAL A 278 -9.90 -8.48 -0.88
C VAL A 278 -11.37 -8.27 -0.61
N VAL A 279 -11.95 -7.17 -1.14
CA VAL A 279 -13.38 -6.91 -0.93
C VAL A 279 -13.98 -6.70 -2.31
N GLU A 280 -15.26 -7.11 -2.42
CA GLU A 280 -15.94 -7.02 -3.73
C GLU A 280 -17.33 -6.47 -3.48
N PHE A 281 -17.78 -5.59 -4.38
CA PHE A 281 -19.08 -4.94 -4.18
C PHE A 281 -19.59 -4.55 -5.57
N THR A 282 -20.91 -4.33 -5.64
CA THR A 282 -21.52 -3.95 -6.86
C THR A 282 -21.98 -2.49 -6.77
N VAL A 283 -21.73 -1.73 -7.82
CA VAL A 283 -22.20 -0.33 -7.94
C VAL A 283 -23.40 -0.33 -8.87
N THR A 284 -24.57 -0.03 -8.36
CA THR A 284 -25.78 -0.24 -9.11
C THR A 284 -26.30 0.94 -9.89
N ARG A 285 -25.85 2.16 -9.56
CA ARG A 285 -26.43 3.37 -10.10
C ARG A 285 -25.29 4.35 -10.46
N PRO A 286 -25.48 5.23 -11.46
CA PRO A 286 -24.42 6.20 -11.74
C PRO A 286 -24.29 7.20 -10.58
N GLY A 287 -23.07 7.65 -10.36
CA GLY A 287 -22.85 8.68 -9.37
C GLY A 287 -21.45 8.51 -8.83
N THR A 288 -21.17 9.28 -7.78
CA THR A 288 -19.89 9.23 -7.10
C THR A 288 -20.06 8.59 -5.75
N TYR A 289 -19.24 7.61 -5.48
CA TYR A 289 -19.33 6.73 -4.29
C TYR A 289 -18.08 7.03 -3.41
N PRO A 290 -18.26 7.64 -2.25
CA PRO A 290 -17.09 7.80 -1.33
C PRO A 290 -16.63 6.45 -0.80
N ILE A 291 -15.37 6.37 -0.54
CA ILE A 291 -14.72 5.25 0.09
C ILE A 291 -14.01 5.77 1.33
N VAL A 292 -14.31 5.20 2.51
CA VAL A 292 -13.86 5.82 3.77
C VAL A 292 -13.27 4.78 4.67
N THR A 293 -12.51 5.24 5.67
CA THR A 293 -12.57 4.58 6.97
C THR A 293 -13.67 5.21 7.76
N HIS A 294 -14.54 4.38 8.36
CA HIS A 294 -15.69 4.88 9.05
C HIS A 294 -15.39 5.39 10.48
N GLN A 295 -14.08 5.31 10.87
CA GLN A 295 -13.60 6.09 12.03
C GLN A 295 -13.52 7.52 11.51
N PHE A 296 -14.58 8.27 11.80
CA PHE A 296 -14.77 9.48 10.98
C PHE A 296 -13.85 10.60 11.33
N ASN A 297 -13.17 10.53 12.49
CA ASN A 297 -12.09 11.49 12.73
C ASN A 297 -10.98 11.33 11.69
N HIS A 298 -10.66 10.08 11.33
CA HIS A 298 -9.64 9.80 10.32
C HIS A 298 -10.14 10.19 8.95
N ALA A 299 -11.42 9.92 8.64
CA ALA A 299 -12.00 10.35 7.35
C ALA A 299 -11.89 11.87 7.23
N GLN A 300 -12.27 12.56 8.28
CA GLN A 300 -12.20 14.02 8.25
C GLN A 300 -10.76 14.53 8.03
N LYS A 301 -9.78 13.82 8.51
CA LYS A 301 -8.38 14.15 8.36
C LYS A 301 -7.75 13.63 7.07
N GLY A 302 -8.61 13.18 6.10
CA GLY A 302 -8.17 12.90 4.74
C GLY A 302 -8.60 11.59 4.17
N ALA A 303 -9.08 10.66 4.99
CA ALA A 303 -9.22 9.30 4.52
C ALA A 303 -10.60 9.07 3.85
N VAL A 304 -10.75 9.77 2.74
CA VAL A 304 -11.94 9.61 1.86
C VAL A 304 -11.40 9.62 0.42
N ALA A 305 -11.67 8.53 -0.28
CA ALA A 305 -11.40 8.42 -1.73
C ALA A 305 -12.70 8.42 -2.44
N MET A 306 -12.71 8.56 -3.74
N MET A 306 -12.69 8.56 -3.75
CA MET A 306 -14.00 8.60 -4.45
CA MET A 306 -13.95 8.63 -4.49
C MET A 306 -13.90 7.59 -5.59
C MET A 306 -13.90 7.62 -5.64
N LEU A 307 -15.04 6.98 -5.91
CA LEU A 307 -15.24 6.10 -7.06
C LEU A 307 -16.38 6.72 -7.91
N LYS A 308 -16.05 7.10 -9.15
N LYS A 308 -16.04 7.10 -9.13
CA LYS A 308 -17.03 7.73 -10.02
CA LYS A 308 -17.01 7.70 -10.04
C LYS A 308 -17.53 6.65 -11.00
C LYS A 308 -17.52 6.62 -10.98
N VAL A 309 -18.83 6.42 -10.98
CA VAL A 309 -19.47 5.36 -11.70
C VAL A 309 -20.31 6.00 -12.78
N THR A 310 -19.98 5.69 -14.06
CA THR A 310 -20.67 6.29 -15.20
C THR A 310 -21.37 5.23 -16.02
N GLU A 311 -22.26 5.67 -16.90
CA GLU A 311 -22.90 4.77 -17.85
C GLU A 311 -21.85 4.09 -18.74
N THR A 312 -20.70 4.67 -19.10
CA THR A 312 -19.64 3.93 -19.88
C THR A 312 -18.40 3.43 -19.08
N GLY A 313 -18.16 3.86 -17.87
CA GLY A 313 -16.85 3.53 -17.22
C GLY A 313 -15.81 4.60 -17.55
N GLU A 314 -16.13 5.49 -18.45
CA GLU A 314 -15.22 6.64 -18.62
C GLU A 314 -15.75 7.92 -18.00
N ASP A 315 -14.83 8.78 -17.70
CA ASP A 315 -15.16 9.99 -17.01
C ASP A 315 -16.26 10.81 -17.71
CU CU B . 14.02 2.61 6.72
CU CU C . 5.46 -5.82 9.84
CU CU D . 18.13 -14.46 -8.46
CU CU E . 5.99 -25.19 -11.22
CU CU F . -3.56 6.79 17.17
CU CU F . -5.58 7.65 17.06
CU CU G . -20.62 -7.73 -13.82
CU CU G . -19.13 -9.25 -15.14
NA NA H . 14.32 -21.66 -8.59
O1 OXY I . 6.61 -6.01 11.95
O2 OXY I . 6.80 -6.91 11.08
C1 MPD J . -10.74 -9.21 -15.29
C1 MPD J . -10.84 -9.07 -15.35
C2 MPD J . -10.45 -8.76 -13.88
C2 MPD J . -10.51 -8.74 -13.91
O2 MPD J . -9.05 -8.41 -13.79
O2 MPD J . -9.09 -8.47 -13.80
CM MPD J . -11.18 -7.46 -13.67
CM MPD J . -11.18 -7.45 -13.60
C3 MPD J . -10.83 -9.76 -12.78
C3 MPD J . -10.95 -9.80 -12.87
C4 MPD J . -9.86 -10.80 -12.20
C4 MPD J . -10.18 -11.10 -12.63
O4 MPD J . -8.73 -10.20 -11.55
O4 MPD J . -8.76 -10.95 -12.83
C5 MPD J . -10.56 -11.61 -11.13
C5 MPD J . -10.41 -11.54 -11.19
C1 EDO K . 13.91 2.46 20.27
O1 EDO K . 14.77 1.76 19.37
C2 EDO K . 14.14 3.87 19.89
O2 EDO K . 13.43 4.98 20.38
C1 EDO L . -10.54 -18.31 -11.03
O1 EDO L . -9.45 -17.51 -11.38
C2 EDO L . -10.70 -18.92 -9.65
O2 EDO L . -12.11 -19.07 -9.41
S SO4 M . -15.36 -17.65 8.37
O1 SO4 M . -14.36 -16.79 7.60
O2 SO4 M . -16.68 -16.91 8.56
O3 SO4 M . -15.61 -18.95 7.62
O4 SO4 M . -14.69 -17.95 9.82
S SO4 N . -12.51 -9.56 12.58
O1 SO4 N . -12.42 -8.06 13.10
O2 SO4 N . -13.21 -9.70 11.30
O3 SO4 N . -11.06 -10.17 12.59
O4 SO4 N . -13.32 -10.29 13.70
S SO4 O . 14.33 21.18 2.46
O1 SO4 O . 15.12 20.73 3.64
O2 SO4 O . 14.59 22.61 2.17
O3 SO4 O . 14.43 20.49 1.16
O4 SO4 O . 12.94 21.00 2.87
C ACY P . 11.03 -5.26 15.30
O ACY P . 11.07 -5.69 14.11
OXT ACY P . 9.99 -4.75 15.78
CH3 ACY P . 12.23 -5.44 16.23
C ACY Q . -6.99 19.16 0.80
O ACY Q . -5.77 18.95 0.63
OXT ACY Q . -7.40 19.11 1.98
CH3 ACY Q . -7.87 19.50 -0.39
C ACY R . -3.48 -20.85 2.31
O ACY R . -4.37 -20.85 1.45
OXT ACY R . -3.85 -20.99 3.45
CH3 ACY R . -2.01 -20.63 2.03
C ACY S . -13.84 3.17 -17.46
O ACY S . -12.75 2.81 -17.94
OXT ACY S . -14.22 2.92 -16.26
CH3 ACY S . -14.81 3.83 -18.43
#